data_1JO0
#
_entry.id   1JO0
#
_cell.length_a   30.566
_cell.length_b   51.941
_cell.length_c   59.100
_cell.angle_alpha   90.00
_cell.angle_beta   102.19
_cell.angle_gamma   90.00
#
_symmetry.space_group_name_H-M   'P 1 21 1'
#
loop_
_entity.id
_entity.type
_entity.pdbx_description
1 polymer 'HYPOTHETICAL PROTEIN HI1333'
2 non-polymer GLYCEROL
3 water water
#
_entity_poly.entity_id   1
_entity_poly.type   'polypeptide(L)'
_entity_poly.pdbx_seq_one_letter_code
;TTLSTKQKQFLKGLAHHLNPVVMLGGNGLTEGVLAEIENALNHHELIKVKVAGADRETKQLIINAIVRETKAAQVQTIGH
ILVLYRPSEEAKIQLPRK
;
_entity_poly.pdbx_strand_id   A,B
#
loop_
_chem_comp.id
_chem_comp.type
_chem_comp.name
_chem_comp.formula
GOL non-polymer GLYCEROL 'C3 H8 O3'
#
# COMPACT_ATOMS: atom_id res chain seq x y z
N THR A 1 6.95 5.10 -17.26
CA THR A 1 6.31 6.02 -16.31
C THR A 1 7.21 7.23 -16.09
N THR A 2 6.74 8.42 -16.41
CA THR A 2 7.56 9.62 -16.32
C THR A 2 6.96 10.49 -15.22
N LEU A 3 7.77 10.73 -14.19
CA LEU A 3 7.37 11.49 -13.02
C LEU A 3 8.05 12.87 -13.04
N SER A 4 7.30 13.88 -12.64
CA SER A 4 7.89 15.20 -12.45
C SER A 4 8.83 15.15 -11.22
N THR A 5 9.67 16.13 -11.09
CA THR A 5 10.52 16.24 -9.92
C THR A 5 9.75 16.23 -8.61
N LYS A 6 8.65 16.96 -8.53
CA LYS A 6 7.82 17.06 -7.35
C LYS A 6 7.11 15.73 -7.08
N GLN A 7 6.63 15.05 -8.11
CA GLN A 7 6.01 13.73 -7.89
C GLN A 7 6.97 12.70 -7.36
N LYS A 8 8.16 12.72 -7.95
CA LYS A 8 9.19 11.79 -7.49
C LYS A 8 9.53 12.04 -6.03
N GLN A 9 9.65 13.32 -5.65
CA GLN A 9 9.99 13.63 -4.28
C GLN A 9 8.88 13.24 -3.34
N PHE A 10 7.62 13.46 -3.73
CA PHE A 10 6.49 13.04 -2.93
C PHE A 10 6.61 11.54 -2.63
N LEU A 11 6.85 10.73 -3.65
CA LEU A 11 6.93 9.29 -3.47
C LEU A 11 8.14 8.86 -2.68
N LYS A 12 9.26 9.55 -2.85
CA LYS A 12 10.44 9.27 -2.06
C LYS A 12 10.11 9.47 -0.58
N GLY A 13 9.41 10.55 -0.27
CA GLY A 13 9.06 10.81 1.13
C GLY A 13 8.13 9.77 1.71
N LEU A 14 7.17 9.32 0.92
CA LEU A 14 6.23 8.30 1.34
C LEU A 14 6.92 6.95 1.54
N ALA A 15 7.85 6.62 0.65
CA ALA A 15 8.53 5.34 0.70
C ALA A 15 9.40 5.19 1.95
N HIS A 16 9.79 6.31 2.57
CA HIS A 16 10.50 6.21 3.86
C HIS A 16 9.76 5.39 4.87
N HIS A 17 8.41 5.35 4.77
CA HIS A 17 7.61 4.63 5.76
C HIS A 17 7.28 3.20 5.36
N LEU A 18 7.87 2.73 4.25
CA LEU A 18 7.58 1.42 3.69
C LEU A 18 8.76 0.48 3.90
N ASN A 19 8.43 -0.80 4.09
CA ASN A 19 9.41 -1.86 4.07
C ASN A 19 9.52 -2.46 2.68
N PRO A 20 10.63 -3.06 2.32
CA PRO A 20 10.69 -3.81 1.06
C PRO A 20 9.61 -4.89 0.98
N VAL A 21 8.97 -5.04 -0.16
CA VAL A 21 8.01 -6.11 -0.45
C VAL A 21 8.57 -7.18 -1.40
N VAL A 22 9.75 -6.98 -1.97
CA VAL A 22 10.42 -7.98 -2.79
C VAL A 22 11.89 -7.96 -2.40
N MET A 23 12.46 -9.14 -2.34
CA MET A 23 13.89 -9.22 -2.07
C MET A 23 14.48 -10.11 -3.16
N LEU A 24 15.56 -9.60 -3.72
CA LEU A 24 16.41 -10.40 -4.57
C LEU A 24 17.59 -11.00 -3.80
N GLY A 25 17.99 -12.18 -4.24
CA GLY A 25 19.16 -12.87 -3.76
C GLY A 25 20.13 -13.16 -4.88
N GLY A 26 21.00 -14.16 -4.62
CA GLY A 26 22.00 -14.53 -5.57
C GLY A 26 21.57 -14.85 -6.98
N ASN A 27 20.31 -15.23 -7.17
CA ASN A 27 19.86 -15.63 -8.51
C ASN A 27 19.40 -14.43 -9.31
N GLY A 28 19.34 -13.27 -8.67
CA GLY A 28 19.03 -12.04 -9.36
C GLY A 28 17.58 -11.99 -9.80
N LEU A 29 17.33 -11.40 -10.96
CA LEU A 29 16.01 -11.18 -11.55
C LEU A 29 15.52 -12.38 -12.29
N THR A 30 15.07 -13.34 -11.52
CA THR A 30 14.48 -14.51 -12.10
C THR A 30 13.06 -14.23 -12.59
N GLU A 31 12.53 -15.20 -13.33
CA GLU A 31 11.13 -15.15 -13.71
C GLU A 31 10.23 -14.93 -12.51
N GLY A 32 10.50 -15.66 -11.43
CA GLY A 32 9.66 -15.57 -10.25
C GLY A 32 9.79 -14.23 -9.55
N VAL A 33 10.99 -13.68 -9.49
CA VAL A 33 11.18 -12.38 -8.85
C VAL A 33 10.46 -11.31 -9.68
N LEU A 34 10.54 -11.41 -11.00
CA LEU A 34 9.84 -10.42 -11.84
C LEU A 34 8.34 -10.51 -11.59
N ALA A 35 7.84 -11.72 -11.46
CA ALA A 35 6.41 -11.84 -11.14
C ALA A 35 6.08 -11.22 -9.80
N GLU A 36 6.95 -11.33 -8.83
CA GLU A 36 6.72 -10.75 -7.51
C GLU A 36 6.72 -9.22 -7.67
N ILE A 37 7.61 -8.68 -8.48
CA ILE A 37 7.65 -7.22 -8.67
C ILE A 37 6.39 -6.78 -9.39
N GLU A 38 5.97 -7.46 -10.41
CA GLU A 38 4.72 -7.10 -11.07
C GLU A 38 3.52 -7.11 -10.13
N ASN A 39 3.43 -8.16 -9.32
CA ASN A 39 2.36 -8.32 -8.36
C ASN A 39 2.35 -7.14 -7.42
N ALA A 40 3.53 -6.80 -6.90
CA ALA A 40 3.69 -5.72 -5.94
C ALA A 40 3.34 -4.37 -6.53
N LEU A 41 3.77 -4.08 -7.76
CA LEU A 41 3.37 -2.89 -8.46
C LEU A 41 1.87 -2.81 -8.61
N ASN A 42 1.25 -3.91 -8.99
CA ASN A 42 -0.18 -3.96 -9.20
C ASN A 42 -0.97 -3.61 -7.94
N HIS A 43 -0.57 -4.23 -6.82
CA HIS A 43 -1.33 -3.98 -5.60
C HIS A 43 -0.95 -2.66 -4.93
N HIS A 44 0.35 -2.31 -4.97
CA HIS A 44 0.80 -1.21 -4.12
C HIS A 44 1.15 0.09 -4.85
N GLU A 45 1.45 0.03 -6.13
CA GLU A 45 1.87 1.15 -6.99
C GLU A 45 3.28 1.59 -6.63
N LEU A 46 3.54 1.97 -5.39
CA LEU A 46 4.84 2.38 -4.84
C LEU A 46 5.44 1.22 -4.09
N ILE A 47 6.62 0.78 -4.49
CA ILE A 47 7.26 -0.38 -3.88
C ILE A 47 8.75 -0.14 -3.61
N LYS A 48 9.23 -0.90 -2.66
CA LYS A 48 10.67 -1.03 -2.39
C LYS A 48 11.12 -2.46 -2.67
N VAL A 49 12.20 -2.57 -3.42
CA VAL A 49 12.79 -3.84 -3.81
C VAL A 49 14.19 -3.85 -3.22
N LYS A 50 14.51 -4.85 -2.44
CA LYS A 50 15.81 -4.98 -1.82
C LYS A 50 16.74 -5.75 -2.76
N VAL A 51 17.92 -5.18 -3.00
CA VAL A 51 18.91 -5.74 -3.89
C VAL A 51 20.26 -5.79 -3.14
N ALA A 52 20.31 -6.56 -2.07
CA ALA A 52 21.54 -6.58 -1.29
C ALA A 52 22.64 -7.37 -1.98
N GLY A 53 23.83 -7.01 -1.54
CA GLY A 53 25.02 -7.68 -1.97
C GLY A 53 25.28 -7.44 -3.46
N ALA A 54 24.82 -6.33 -4.04
CA ALA A 54 25.02 -5.97 -5.44
C ALA A 54 25.96 -4.77 -5.58
N ASP A 55 26.99 -4.99 -6.40
CA ASP A 55 27.87 -3.87 -6.67
C ASP A 55 27.20 -2.97 -7.70
N ARG A 56 27.88 -1.88 -7.99
CA ARG A 56 27.24 -0.80 -8.75
C ARG A 56 26.78 -1.32 -10.11
N GLU A 57 27.61 -2.06 -10.80
CA GLU A 57 27.28 -2.51 -12.17
C GLU A 57 26.19 -3.58 -12.14
N THR A 58 26.29 -4.49 -11.17
CA THR A 58 25.26 -5.54 -11.06
C THR A 58 23.91 -4.93 -10.76
N LYS A 59 23.91 -3.99 -9.82
CA LYS A 59 22.67 -3.33 -9.45
C LYS A 59 22.10 -2.59 -10.67
N GLN A 60 22.99 -1.97 -11.46
CA GLN A 60 22.50 -1.25 -12.61
C GLN A 60 21.84 -2.19 -13.61
N LEU A 61 22.43 -3.36 -13.86
CA LEU A 61 21.80 -4.36 -14.73
C LEU A 61 20.39 -4.69 -14.27
N ILE A 62 20.27 -4.94 -12.97
CA ILE A 62 18.98 -5.26 -12.37
C ILE A 62 18.01 -4.12 -12.53
N ILE A 63 18.38 -2.89 -12.21
CA ILE A 63 17.51 -1.75 -12.35
C ILE A 63 17.02 -1.64 -13.78
N ASN A 64 17.96 -1.72 -14.71
CA ASN A 64 17.60 -1.53 -16.10
C ASN A 64 16.60 -2.56 -16.57
N ALA A 65 16.79 -3.81 -16.13
CA ALA A 65 15.90 -4.87 -16.56
C ALA A 65 14.50 -4.68 -15.96
N ILE A 66 14.45 -4.32 -14.68
CA ILE A 66 13.16 -4.11 -14.00
C ILE A 66 12.41 -3.01 -14.74
N VAL A 67 13.05 -1.87 -15.00
CA VAL A 67 12.36 -0.76 -15.65
C VAL A 67 11.92 -1.19 -17.03
N ARG A 68 12.74 -1.89 -17.79
CA ARG A 68 12.37 -2.30 -19.13
C ARG A 68 11.14 -3.19 -19.11
N GLU A 69 11.12 -4.18 -18.24
CA GLU A 69 10.03 -5.15 -18.20
C GLU A 69 8.73 -4.60 -17.64
N THR A 70 8.85 -3.76 -16.63
CA THR A 70 7.66 -3.33 -15.88
C THR A 70 7.16 -1.95 -16.27
N LYS A 71 8.00 -1.12 -16.89
CA LYS A 71 7.67 0.28 -17.19
C LYS A 71 7.44 1.13 -15.96
N ALA A 72 7.91 0.65 -14.78
CA ALA A 72 7.90 1.46 -13.60
C ALA A 72 8.92 2.59 -13.69
N ALA A 73 8.65 3.66 -12.97
CA ALA A 73 9.56 4.74 -12.73
C ALA A 73 10.51 4.44 -11.58
N GLN A 74 11.77 4.82 -11.73
CA GLN A 74 12.71 4.84 -10.61
C GLN A 74 12.48 6.08 -9.78
N VAL A 75 12.14 5.85 -8.52
CA VAL A 75 11.97 6.94 -7.60
C VAL A 75 13.27 7.26 -6.85
N GLN A 76 14.01 6.25 -6.42
CA GLN A 76 15.19 6.42 -5.60
C GLN A 76 15.97 5.11 -5.68
N THR A 77 17.27 5.23 -5.79
CA THR A 77 18.20 4.17 -5.58
C THR A 77 19.12 4.59 -4.44
N ILE A 78 19.14 3.91 -3.33
CA ILE A 78 20.04 4.26 -2.25
C ILE A 78 20.46 2.96 -1.63
N GLY A 79 21.77 2.76 -1.71
CA GLY A 79 22.30 1.54 -1.12
C GLY A 79 21.66 0.37 -1.84
N HIS A 80 21.06 -0.50 -1.03
CA HIS A 80 20.59 -1.75 -1.52
C HIS A 80 19.09 -1.72 -1.80
N ILE A 81 18.46 -0.56 -1.80
CA ILE A 81 17.03 -0.45 -1.96
C ILE A 81 16.73 0.31 -3.25
N LEU A 82 15.86 -0.26 -4.03
CA LEU A 82 15.28 0.38 -5.20
C LEU A 82 13.83 0.76 -4.92
N VAL A 83 13.48 2.01 -5.07
CA VAL A 83 12.11 2.46 -4.90
C VAL A 83 11.52 2.70 -6.30
N LEU A 84 10.41 2.08 -6.59
CA LEU A 84 9.80 2.07 -7.92
C LEU A 84 8.34 2.47 -7.83
N TYR A 85 7.79 3.02 -8.90
CA TYR A 85 6.39 3.40 -8.93
C TYR A 85 5.77 3.15 -10.28
N ARG A 86 4.57 2.56 -10.29
CA ARG A 86 3.80 2.50 -11.53
C ARG A 86 2.33 2.76 -11.20
N PRO A 87 1.65 3.64 -11.92
CA PRO A 87 0.26 3.92 -11.57
C PRO A 87 -0.65 2.75 -11.93
N SER A 88 -1.73 2.65 -11.13
CA SER A 88 -2.78 1.66 -11.24
C SER A 88 -3.99 2.26 -11.92
N GLU A 89 -4.79 1.45 -12.54
CA GLU A 89 -6.09 1.83 -13.05
C GLU A 89 -7.04 2.17 -11.92
N GLU A 90 -6.77 1.70 -10.72
CA GLU A 90 -7.58 2.13 -9.59
C GLU A 90 -6.56 2.72 -8.61
N ALA A 91 -6.23 3.97 -8.75
CA ALA A 91 -5.24 4.63 -7.92
C ALA A 91 -5.49 4.37 -6.44
N LYS A 92 -4.49 3.87 -5.77
CA LYS A 92 -4.48 3.65 -4.33
C LYS A 92 -3.84 4.86 -3.66
N ILE A 93 -2.78 5.40 -4.24
CA ILE A 93 -2.04 6.51 -3.68
C ILE A 93 -2.38 7.76 -4.48
N GLN A 94 -2.71 8.83 -3.76
CA GLN A 94 -2.97 10.16 -4.36
C GLN A 94 -1.67 10.82 -4.72
N LEU A 95 -1.40 10.93 -6.01
CA LEU A 95 -0.16 11.56 -6.44
C LEU A 95 -0.42 13.02 -6.70
N PRO A 96 0.48 13.89 -6.28
CA PRO A 96 0.30 15.31 -6.55
C PRO A 96 0.27 15.61 -8.05
N ARG A 97 -0.45 16.67 -8.33
CA ARG A 97 -0.47 17.31 -9.62
C ARG A 97 0.91 17.84 -10.01
N THR B 1 -7.01 -5.23 17.31
CA THR B 1 -5.75 -4.53 17.04
C THR B 1 -5.66 -3.28 17.90
N THR B 2 -4.76 -3.31 18.86
CA THR B 2 -4.66 -2.21 19.82
C THR B 2 -3.56 -1.27 19.43
N LEU B 3 -3.92 0.00 19.18
CA LEU B 3 -2.99 1.02 18.77
C LEU B 3 -2.82 2.11 19.83
N SER B 4 -1.58 2.57 19.97
CA SER B 4 -1.35 3.75 20.80
C SER B 4 -1.84 5.01 20.09
N THR B 5 -1.88 6.10 20.83
CA THR B 5 -2.31 7.37 20.29
C THR B 5 -1.40 7.79 19.15
N LYS B 6 -0.09 7.74 19.39
CA LYS B 6 0.90 8.16 18.41
C LYS B 6 0.90 7.25 17.18
N GLN B 7 0.70 5.96 17.35
CA GLN B 7 0.49 5.11 16.20
C GLN B 7 -0.74 5.53 15.41
N LYS B 8 -1.87 5.77 16.08
CA LYS B 8 -3.05 6.17 15.32
C LYS B 8 -2.83 7.47 14.56
N GLN B 9 -2.17 8.43 15.19
CA GLN B 9 -1.96 9.73 14.58
C GLN B 9 -1.07 9.56 13.34
N PHE B 10 -0.11 8.67 13.47
CA PHE B 10 0.80 8.39 12.36
C PHE B 10 0.00 7.89 11.16
N LEU B 11 -0.87 6.93 11.45
CA LEU B 11 -1.68 6.29 10.40
C LEU B 11 -2.65 7.26 9.79
N LYS B 12 -3.20 8.18 10.57
CA LYS B 12 -4.06 9.20 9.97
C LYS B 12 -3.32 10.03 8.94
N GLY B 13 -2.06 10.36 9.24
CA GLY B 13 -1.26 11.15 8.33
C GLY B 13 -1.01 10.43 7.03
N LEU B 14 -0.73 9.14 7.09
CA LEU B 14 -0.49 8.36 5.89
C LEU B 14 -1.78 8.19 5.11
N ALA B 15 -2.90 7.99 5.83
CA ALA B 15 -4.17 7.67 5.16
C ALA B 15 -4.65 8.86 4.35
N HIS B 16 -4.22 10.06 4.69
CA HIS B 16 -4.54 11.26 3.90
C HIS B 16 -4.11 11.11 2.45
N HIS B 17 -3.13 10.26 2.19
CA HIS B 17 -2.59 10.07 0.84
C HIS B 17 -3.24 8.88 0.12
N LEU B 18 -4.22 8.23 0.74
CA LEU B 18 -4.84 7.06 0.19
C LEU B 18 -6.25 7.32 -0.37
N ASN B 19 -6.58 6.50 -1.37
CA ASN B 19 -7.97 6.40 -1.81
C ASN B 19 -8.62 5.11 -1.32
N PRO B 20 -9.96 5.06 -1.25
CA PRO B 20 -10.63 3.81 -0.83
C PRO B 20 -10.24 2.65 -1.76
N VAL B 21 -10.10 1.46 -1.14
CA VAL B 21 -9.83 0.23 -1.90
C VAL B 21 -10.99 -0.75 -1.82
N VAL B 22 -11.99 -0.46 -0.98
CA VAL B 22 -13.23 -1.24 -0.88
C VAL B 22 -14.41 -0.23 -0.82
N MET B 23 -15.45 -0.58 -1.53
CA MET B 23 -16.69 0.20 -1.53
C MET B 23 -17.82 -0.74 -1.13
N LEU B 24 -18.66 -0.33 -0.18
CA LEU B 24 -19.89 -1.04 0.09
C LEU B 24 -21.03 -0.39 -0.66
N GLY B 25 -21.83 -1.22 -1.29
CA GLY B 25 -22.97 -0.60 -1.96
C GLY B 25 -24.25 -0.76 -1.17
N GLY B 26 -25.30 -0.95 -1.97
CA GLY B 26 -26.63 -1.12 -1.45
C GLY B 26 -26.92 -2.40 -0.73
N ASN B 27 -26.11 -3.45 -0.85
CA ASN B 27 -26.53 -4.63 -0.07
C ASN B 27 -25.78 -4.66 1.27
N GLY B 28 -25.17 -3.53 1.62
CA GLY B 28 -24.45 -3.29 2.84
C GLY B 28 -23.30 -4.25 3.08
N LEU B 29 -23.17 -4.69 4.32
CA LEU B 29 -22.05 -5.56 4.67
C LEU B 29 -22.34 -7.03 4.44
N THR B 30 -22.10 -7.46 3.20
CA THR B 30 -22.33 -8.87 2.89
C THR B 30 -21.09 -9.70 3.18
N GLU B 31 -21.18 -11.01 3.08
CA GLU B 31 -20.02 -11.89 3.26
C GLU B 31 -18.97 -11.60 2.19
N GLY B 32 -19.42 -11.26 0.98
CA GLY B 32 -18.50 -10.91 -0.08
C GLY B 32 -17.69 -9.67 0.25
N VAL B 33 -18.38 -8.64 0.78
CA VAL B 33 -17.68 -7.42 1.18
C VAL B 33 -16.70 -7.68 2.32
N LEU B 34 -17.09 -8.45 3.32
CA LEU B 34 -16.12 -8.83 4.32
C LEU B 34 -14.93 -9.56 3.74
N ALA B 35 -15.10 -10.49 2.77
CA ALA B 35 -13.95 -11.14 2.16
C ALA B 35 -13.06 -10.14 1.43
N GLU B 36 -13.65 -9.14 0.80
CA GLU B 36 -12.89 -8.06 0.14
C GLU B 36 -12.08 -7.25 1.14
N ILE B 37 -12.72 -6.95 2.27
CA ILE B 37 -12.01 -6.20 3.31
C ILE B 37 -10.86 -7.00 3.90
N GLU B 38 -11.09 -8.30 4.18
CA GLU B 38 -10.02 -9.17 4.62
C GLU B 38 -8.84 -9.17 3.65
N ASN B 39 -9.13 -9.35 2.38
CA ASN B 39 -8.09 -9.38 1.34
C ASN B 39 -7.36 -8.04 1.28
N ALA B 40 -8.09 -6.92 1.37
CA ALA B 40 -7.45 -5.60 1.35
C ALA B 40 -6.56 -5.41 2.57
N LEU B 41 -7.05 -5.79 3.74
CA LEU B 41 -6.19 -5.63 4.91
C LEU B 41 -4.91 -6.46 4.78
N ASN B 42 -5.02 -7.68 4.26
CA ASN B 42 -3.87 -8.56 4.12
C ASN B 42 -2.84 -7.99 3.14
N HIS B 43 -3.33 -7.33 2.07
CA HIS B 43 -2.36 -6.77 1.17
C HIS B 43 -1.78 -5.44 1.65
N HIS B 44 -2.62 -4.60 2.25
CA HIS B 44 -2.25 -3.20 2.45
C HIS B 44 -2.02 -2.77 3.89
N GLU B 45 -2.59 -3.44 4.86
CA GLU B 45 -2.55 -3.16 6.30
C GLU B 45 -3.41 -1.95 6.66
N LEU B 46 -3.16 -0.80 6.04
CA LEU B 46 -3.92 0.43 6.17
C LEU B 46 -4.81 0.63 4.94
N ILE B 47 -6.11 0.70 5.22
CA ILE B 47 -7.10 0.80 4.15
C ILE B 47 -8.19 1.81 4.45
N LYS B 48 -8.75 2.33 3.35
CA LYS B 48 -9.99 3.11 3.38
C LYS B 48 -11.13 2.29 2.77
N VAL B 49 -12.26 2.30 3.43
CA VAL B 49 -13.49 1.63 3.05
C VAL B 49 -14.57 2.69 2.86
N LYS B 50 -15.16 2.75 1.70
CA LYS B 50 -16.22 3.72 1.44
C LYS B 50 -17.54 3.07 1.83
N VAL B 51 -18.26 3.73 2.71
CA VAL B 51 -19.55 3.22 3.14
C VAL B 51 -20.67 4.16 2.71
N ALA B 52 -21.05 4.07 1.43
CA ALA B 52 -22.06 4.99 0.93
C ALA B 52 -23.48 4.67 1.39
N GLY B 53 -24.30 5.70 1.49
CA GLY B 53 -25.71 5.52 1.69
C GLY B 53 -26.17 5.33 3.10
N ALA B 54 -25.29 5.44 4.08
CA ALA B 54 -25.68 5.27 5.46
C ALA B 54 -25.39 6.58 6.19
N ASP B 55 -26.33 6.88 7.09
CA ASP B 55 -26.21 8.04 7.98
C ASP B 55 -25.28 7.69 9.14
N ARG B 56 -25.11 8.63 10.05
CA ARG B 56 -24.06 8.47 11.06
C ARG B 56 -24.34 7.21 11.84
N GLU B 57 -25.55 7.04 12.37
CA GLU B 57 -25.80 5.90 13.28
C GLU B 57 -25.77 4.57 12.56
N THR B 58 -26.27 4.61 11.32
CA THR B 58 -26.25 3.36 10.54
C THR B 58 -24.86 2.94 10.11
N LYS B 59 -24.10 3.93 9.68
CA LYS B 59 -22.68 3.72 9.41
C LYS B 59 -21.99 3.20 10.65
N GLN B 60 -22.37 3.65 11.85
CA GLN B 60 -21.69 3.11 13.04
C GLN B 60 -21.94 1.62 13.19
N LEU B 61 -23.16 1.19 12.90
CA LEU B 61 -23.47 -0.25 12.93
C LEU B 61 -22.50 -1.03 12.05
N ILE B 62 -22.29 -0.52 10.84
CA ILE B 62 -21.45 -1.24 9.89
C ILE B 62 -20.01 -1.25 10.33
N ILE B 63 -19.55 -0.09 10.80
CA ILE B 63 -18.19 -0.03 11.31
C ILE B 63 -17.98 -1.01 12.45
N ASN B 64 -18.95 -1.07 13.37
CA ASN B 64 -18.81 -1.94 14.52
C ASN B 64 -18.71 -3.40 14.08
N ALA B 65 -19.50 -3.77 13.08
CA ALA B 65 -19.41 -5.16 12.64
C ALA B 65 -18.11 -5.47 11.92
N ILE B 66 -17.66 -4.53 11.10
CA ILE B 66 -16.37 -4.74 10.40
C ILE B 66 -15.25 -4.91 11.40
N VAL B 67 -15.21 -4.05 12.42
CA VAL B 67 -14.12 -4.09 13.37
C VAL B 67 -14.19 -5.38 14.16
N ARG B 68 -15.38 -5.78 14.58
CA ARG B 68 -15.49 -7.06 15.30
C ARG B 68 -15.04 -8.26 14.47
N GLU B 69 -15.51 -8.31 13.21
CA GLU B 69 -15.16 -9.45 12.37
C GLU B 69 -13.71 -9.52 11.95
N THR B 70 -13.15 -8.32 11.64
CA THR B 70 -11.80 -8.36 11.09
C THR B 70 -10.72 -8.23 12.15
N LYS B 71 -11.04 -7.71 13.32
CA LYS B 71 -10.14 -7.36 14.40
C LYS B 71 -9.16 -6.27 13.96
N ALA B 72 -9.49 -5.54 12.90
CA ALA B 72 -8.76 -4.34 12.55
C ALA B 72 -9.08 -3.23 13.57
N ALA B 73 -8.15 -2.28 13.66
CA ALA B 73 -8.25 -1.05 14.42
C ALA B 73 -8.96 0.02 13.58
N GLN B 74 -9.86 0.76 14.23
CA GLN B 74 -10.49 1.92 13.59
C GLN B 74 -9.50 3.05 13.78
N VAL B 75 -8.97 3.58 12.70
CA VAL B 75 -8.04 4.72 12.79
C VAL B 75 -8.79 6.04 12.81
N GLN B 76 -9.80 6.20 11.96
CA GLN B 76 -10.50 7.46 11.67
C GLN B 76 -11.77 7.13 10.91
N THR B 77 -12.83 7.90 11.11
CA THR B 77 -13.96 7.94 10.21
C THR B 77 -14.03 9.37 9.65
N ILE B 78 -13.97 9.54 8.34
CA ILE B 78 -14.08 10.85 7.73
C ILE B 78 -15.26 10.83 6.76
N GLY B 79 -16.36 11.47 7.13
CA GLY B 79 -17.51 11.43 6.25
C GLY B 79 -17.95 9.97 6.13
N HIS B 80 -18.07 9.51 4.89
CA HIS B 80 -18.48 8.15 4.61
C HIS B 80 -17.31 7.17 4.45
N ILE B 81 -16.10 7.65 4.73
CA ILE B 81 -14.87 6.87 4.67
C ILE B 81 -14.43 6.34 6.04
N LEU B 82 -14.27 5.04 6.13
CA LEU B 82 -13.70 4.37 7.28
C LEU B 82 -12.22 4.06 7.05
N VAL B 83 -11.34 4.42 7.94
CA VAL B 83 -9.92 4.09 7.84
C VAL B 83 -9.63 3.03 8.89
N LEU B 84 -9.11 1.92 8.41
CA LEU B 84 -8.84 0.72 9.20
C LEU B 84 -7.38 0.31 9.12
N TYR B 85 -6.86 -0.32 10.18
CA TYR B 85 -5.54 -0.86 10.11
C TYR B 85 -5.44 -2.23 10.79
N ARG B 86 -4.79 -3.19 10.16
CA ARG B 86 -4.52 -4.48 10.79
C ARG B 86 -3.13 -4.90 10.32
N PRO B 87 -2.22 -5.21 11.21
CA PRO B 87 -0.87 -5.59 10.80
C PRO B 87 -0.85 -6.93 10.06
N SER B 88 0.06 -7.02 9.11
CA SER B 88 0.39 -8.17 8.33
C SER B 88 1.51 -8.97 8.99
N GLU B 89 1.54 -10.26 8.68
CA GLU B 89 2.66 -11.08 9.10
C GLU B 89 3.96 -10.70 8.39
N GLU B 90 3.85 -10.02 7.26
CA GLU B 90 4.98 -9.41 6.59
C GLU B 90 4.66 -7.93 6.40
N ALA B 91 5.21 -7.17 7.34
CA ALA B 91 4.85 -5.78 7.42
C ALA B 91 5.22 -5.00 6.18
N LYS B 92 4.29 -4.22 5.68
CA LYS B 92 4.51 -3.31 4.56
C LYS B 92 4.78 -1.90 5.06
N ILE B 93 4.06 -1.46 6.07
CA ILE B 93 4.23 -0.14 6.64
C ILE B 93 4.97 -0.18 7.96
N GLN B 94 5.93 0.71 8.10
CA GLN B 94 6.71 0.85 9.33
C GLN B 94 5.97 1.72 10.35
N LEU B 95 5.46 1.06 11.37
CA LEU B 95 4.71 1.81 12.36
C LEU B 95 5.64 2.34 13.46
N PRO B 96 5.36 3.53 14.01
CA PRO B 96 6.13 3.99 15.17
C PRO B 96 5.98 3.07 16.37
C1 GOL C . 14.84 -3.14 5.08
O1 GOL C . 15.58 -4.28 4.66
C2 GOL C . 15.01 -1.89 4.21
O2 GOL C . 16.41 -1.64 4.05
C3 GOL C . 14.41 -0.60 4.82
O3 GOL C . 13.93 0.25 3.76
C1 GOL D . -9.95 12.62 -1.63
O1 GOL D . -8.88 12.56 -0.69
C2 GOL D . -9.64 12.50 -3.12
O2 GOL D . -8.85 13.61 -3.54
C3 GOL D . -10.91 12.51 -4.02
O3 GOL D . -10.60 13.20 -5.25
C1 GOL E . 1.42 3.30 1.09
O1 GOL E . 0.96 4.20 2.10
C2 GOL E . 0.38 2.34 0.50
O2 GOL E . 0.55 1.06 1.13
C3 GOL E . 0.55 2.09 -1.02
O3 GOL E . -0.52 1.25 -1.51
C1 GOL F . 15.96 3.48 -17.23
O1 GOL F . 16.93 4.52 -17.39
C2 GOL F . 16.50 2.06 -17.48
O2 GOL F . 17.92 2.26 -17.80
C3 GOL F . 15.74 1.43 -18.68
O3 GOL F . 15.93 0.03 -18.93
C1 GOL G . -10.61 9.35 -3.15
O1 GOL G . -9.97 9.65 -1.93
C2 GOL G . -12.12 9.50 -3.27
O2 GOL G . -12.75 9.39 -1.99
C3 GOL G . -12.65 8.37 -4.20
O3 GOL G . -11.47 7.80 -4.82
C1 GOL H . 13.67 2.09 9.24
O1 GOL H . 12.76 3.09 9.64
C2 GOL H . 14.26 1.13 10.28
O2 GOL H . 15.29 1.76 11.04
C3 GOL H . 14.87 -0.15 9.65
O3 GOL H . 14.42 -0.31 8.27
C1 GOL I . -9.66 -12.36 10.26
O1 GOL I . -11.06 -12.16 10.22
C2 GOL I . -9.13 -13.29 11.35
O2 GOL I . -8.45 -12.53 12.38
C3 GOL I . -8.19 -14.40 10.82
O3 GOL I . -8.38 -15.61 11.59
#